data_2Q3G
#
_entry.id   2Q3G
#
_cell.length_a   46.052
_cell.length_b   55.404
_cell.length_c   57.316
_cell.angle_alpha   90.00
_cell.angle_beta   90.00
_cell.angle_gamma   90.00
#
_symmetry.space_group_name_H-M   'P 21 21 21'
#
loop_
_entity.id
_entity.type
_entity.pdbx_description
1 polymer 'PDZ and LIM domain protein 7'
2 non-polymer 1,2-ETHANEDIOL
3 non-polymer 'CHLORIDE ION'
4 water water
#
_entity_poly.entity_id   1
_entity_poly.type   'polypeptide(L)'
_entity_poly.pdbx_seq_one_letter_code
;SMDSFKVVLEGPAPWGFRLQGGKDFNVPLSISRLTPGGKAAQAGVAVGDWVLSIDGENAGSLTHIEAQNKIRACGERLSL
GLSRAITSL
;
_entity_poly.pdbx_strand_id   A,B
#
loop_
_chem_comp.id
_chem_comp.type
_chem_comp.name
_chem_comp.formula
CL non-polymer 'CHLORIDE ION' 'Cl -1'
EDO non-polymer 1,2-ETHANEDIOL 'C2 H6 O2'
#
# COMPACT_ATOMS: atom_id res chain seq x y z
N SER A 1 -8.50 1.78 11.89
CA SER A 1 -7.74 0.51 11.77
C SER A 1 -8.34 -0.38 10.69
N MET A 2 -7.52 -1.30 10.17
CA MET A 2 -7.97 -2.18 9.10
CA MET A 2 -7.82 -2.11 9.00
C MET A 2 -7.32 -3.54 9.29
N ASP A 3 -8.04 -4.54 8.79
CA ASP A 3 -7.65 -5.93 8.78
CA ASP A 3 -7.50 -5.92 8.80
C ASP A 3 -7.21 -6.36 7.38
N SER A 4 -6.00 -6.85 7.22
CA SER A 4 -5.50 -7.27 5.91
C SER A 4 -5.72 -8.75 5.67
N PHE A 5 -5.95 -9.10 4.41
CA PHE A 5 -6.16 -10.50 4.01
C PHE A 5 -5.90 -10.62 2.51
N LYS A 6 -5.86 -11.84 2.01
CA LYS A 6 -5.60 -12.13 0.61
C LYS A 6 -6.63 -13.10 0.09
N VAL A 7 -7.09 -12.87 -1.14
CA VAL A 7 -7.87 -13.87 -1.87
C VAL A 7 -7.25 -14.10 -3.24
N VAL A 8 -7.51 -15.27 -3.81
CA VAL A 8 -7.09 -15.63 -5.15
C VAL A 8 -8.32 -16.07 -5.91
N LEU A 9 -8.62 -15.39 -7.00
CA LEU A 9 -9.77 -15.73 -7.82
C LEU A 9 -9.34 -16.61 -8.99
N GLU A 10 -10.17 -17.59 -9.33
CA GLU A 10 -9.89 -18.58 -10.38
C GLU A 10 -10.72 -18.23 -11.61
N GLY A 11 -10.04 -18.04 -12.74
CA GLY A 11 -10.62 -17.59 -13.97
C GLY A 11 -11.47 -18.61 -14.67
N PRO A 12 -12.04 -18.23 -15.82
CA PRO A 12 -11.86 -16.92 -16.48
C PRO A 12 -12.64 -15.78 -15.84
N ALA A 13 -12.23 -14.56 -16.13
CA ALA A 13 -13.05 -13.38 -16.04
C ALA A 13 -14.42 -13.52 -16.64
N PRO A 14 -15.42 -12.75 -16.20
CA PRO A 14 -15.29 -11.66 -15.25
C PRO A 14 -15.23 -12.03 -13.79
N TRP A 15 -14.56 -11.15 -13.05
CA TRP A 15 -14.18 -11.40 -11.68
C TRP A 15 -15.33 -10.88 -10.76
N GLY A 16 -16.15 -9.94 -11.25
CA GLY A 16 -17.30 -9.47 -10.51
C GLY A 16 -17.07 -8.27 -9.61
N PHE A 17 -16.27 -7.28 -10.03
CA PHE A 17 -16.08 -6.09 -9.20
C PHE A 17 -15.72 -4.90 -10.04
N ARG A 18 -15.91 -3.73 -9.44
CA ARG A 18 -15.50 -2.44 -9.98
C ARG A 18 -14.54 -1.77 -9.00
N LEU A 19 -13.57 -1.04 -9.52
CA LEU A 19 -12.64 -0.24 -8.72
C LEU A 19 -13.04 1.21 -8.62
N GLN A 20 -12.56 1.85 -7.55
CA GLN A 20 -12.52 3.32 -7.46
C GLN A 20 -11.15 3.70 -6.91
N GLY A 21 -10.74 4.91 -7.19
CA GLY A 21 -9.54 5.47 -6.61
C GLY A 21 -8.28 5.12 -7.37
N GLY A 22 -7.14 5.33 -6.72
CA GLY A 22 -5.83 5.14 -7.36
C GLY A 22 -4.96 6.36 -7.14
N LYS A 23 -3.68 6.26 -7.51
CA LYS A 23 -2.73 7.31 -7.12
C LYS A 23 -3.06 8.62 -7.83
N ASP A 24 -3.73 8.58 -8.96
CA ASP A 24 -4.14 9.75 -9.68
C ASP A 24 -5.42 10.41 -9.12
N PHE A 25 -6.03 9.78 -8.13
N PHE A 25 -6.08 9.74 -8.19
CA PHE A 25 -7.20 10.31 -7.45
CA PHE A 25 -7.25 10.26 -7.49
C PHE A 25 -6.90 10.60 -5.98
C PHE A 25 -6.89 10.66 -6.06
N ASN A 26 -5.64 10.45 -5.59
N ASN A 26 -7.88 11.19 -5.34
CA ASN A 26 -5.17 10.89 -4.30
CA ASN A 26 -7.65 11.64 -3.98
C ASN A 26 -5.68 10.04 -3.17
C ASN A 26 -8.08 10.61 -2.93
N VAL A 27 -6.07 8.81 -3.48
N VAL A 27 -8.37 9.40 -3.37
CA VAL A 27 -6.58 7.92 -2.48
CA VAL A 27 -8.62 8.29 -2.45
C VAL A 27 -6.26 6.49 -2.85
C VAL A 27 -7.86 7.04 -2.94
N PRO A 28 -6.30 5.60 -1.87
N PRO A 28 -7.42 6.17 -2.04
CA PRO A 28 -6.19 4.20 -2.14
CA PRO A 28 -6.65 4.99 -2.54
C PRO A 28 -7.26 3.78 -3.12
C PRO A 28 -7.46 3.88 -3.26
N LEU A 29 -6.84 2.88 -3.91
CA LEU A 29 -7.67 2.00 -4.71
C LEU A 29 -8.55 1.15 -3.78
N SER A 30 -9.81 0.99 -4.17
CA SER A 30 -10.73 0.20 -3.37
C SER A 30 -11.80 -0.42 -4.27
N ILE A 31 -12.49 -1.40 -3.70
CA ILE A 31 -13.62 -2.05 -4.36
C ILE A 31 -14.86 -1.19 -4.19
N SER A 32 -15.45 -0.72 -5.28
CA SER A 32 -16.61 0.17 -5.20
C SER A 32 -17.93 -0.53 -5.43
N ARG A 33 -17.91 -1.69 -6.08
CA ARG A 33 -19.11 -2.41 -6.43
C ARG A 33 -18.75 -3.88 -6.57
N LEU A 34 -19.68 -4.75 -6.19
CA LEU A 34 -19.51 -6.18 -6.33
C LEU A 34 -20.71 -6.76 -7.00
N THR A 35 -20.47 -7.66 -7.93
CA THR A 35 -21.52 -8.45 -8.52
C THR A 35 -22.03 -9.47 -7.51
N PRO A 36 -23.31 -9.44 -7.14
CA PRO A 36 -23.82 -10.48 -6.27
C PRO A 36 -23.62 -11.86 -6.88
N GLY A 37 -23.07 -12.75 -6.10
CA GLY A 37 -22.81 -14.09 -6.59
C GLY A 37 -21.59 -14.23 -7.49
N GLY A 38 -20.90 -13.13 -7.80
CA GLY A 38 -19.72 -13.18 -8.63
C GLY A 38 -18.52 -13.70 -7.89
N LYS A 39 -17.41 -13.82 -8.60
CA LYS A 39 -16.26 -14.53 -8.03
C LYS A 39 -15.68 -13.79 -6.83
N ALA A 40 -15.54 -12.47 -6.93
CA ALA A 40 -15.01 -11.69 -5.83
C ALA A 40 -15.91 -11.78 -4.60
N ALA A 41 -17.21 -11.62 -4.78
CA ALA A 41 -18.16 -11.74 -3.67
C ALA A 41 -18.07 -13.12 -3.04
N GLN A 42 -18.02 -14.17 -3.85
CA GLN A 42 -17.96 -15.53 -3.33
C GLN A 42 -16.66 -15.79 -2.56
N ALA A 43 -15.59 -15.09 -2.91
CA ALA A 43 -14.32 -15.21 -2.20
C ALA A 43 -14.28 -14.45 -0.88
N GLY A 44 -15.30 -13.63 -0.61
CA GLY A 44 -15.38 -12.90 0.65
C GLY A 44 -14.94 -11.45 0.57
N VAL A 45 -14.78 -10.90 -0.63
CA VAL A 45 -14.50 -9.46 -0.79
C VAL A 45 -15.77 -8.68 -0.45
N ALA A 46 -15.59 -7.44 0.04
CA ALA A 46 -16.71 -6.56 0.38
C ALA A 46 -16.46 -5.20 -0.25
N VAL A 47 -17.54 -4.53 -0.62
CA VAL A 47 -17.44 -3.12 -1.04
C VAL A 47 -16.75 -2.31 0.03
N GLY A 48 -15.76 -1.49 -0.38
CA GLY A 48 -15.05 -0.62 0.52
C GLY A 48 -13.70 -1.21 0.87
N ASP A 49 -13.46 -2.49 0.56
CA ASP A 49 -12.14 -3.06 0.82
C ASP A 49 -11.11 -2.31 0.02
N TRP A 50 -10.01 -1.94 0.67
CA TRP A 50 -8.86 -1.35 -0.04
C TRP A 50 -8.12 -2.47 -0.77
N VAL A 51 -7.61 -2.13 -1.95
CA VAL A 51 -6.77 -3.02 -2.72
C VAL A 51 -5.32 -2.64 -2.46
N LEU A 52 -4.63 -3.53 -1.78
CA LEU A 52 -3.22 -3.34 -1.43
C LEU A 52 -2.28 -3.86 -2.50
N SER A 53 -2.64 -4.95 -3.18
CA SER A 53 -1.77 -5.56 -4.17
C SER A 53 -2.61 -6.30 -5.19
N ILE A 54 -2.07 -6.37 -6.41
CA ILE A 54 -2.68 -7.10 -7.52
C ILE A 54 -1.60 -7.94 -8.16
N ASP A 55 -1.73 -9.27 -8.08
CA ASP A 55 -0.68 -10.21 -8.59
C ASP A 55 0.72 -9.84 -8.11
N GLY A 56 0.83 -9.44 -6.86
CA GLY A 56 2.11 -9.12 -6.27
C GLY A 56 2.53 -7.68 -6.42
N GLU A 57 1.93 -6.93 -7.34
CA GLU A 57 2.33 -5.55 -7.54
C GLU A 57 1.64 -4.71 -6.47
N ASN A 58 2.39 -3.81 -5.85
CA ASN A 58 1.87 -2.92 -4.84
C ASN A 58 0.90 -1.94 -5.48
N ALA A 59 -0.33 -1.98 -5.05
CA ALA A 59 -1.36 -1.16 -5.69
C ALA A 59 -1.20 0.32 -5.42
N GLY A 60 -0.47 0.69 -4.37
CA GLY A 60 -0.25 2.09 -4.07
C GLY A 60 0.59 2.81 -5.10
N SER A 61 1.27 2.07 -5.94
CA SER A 61 2.05 2.63 -7.02
C SER A 61 1.34 2.72 -8.36
N LEU A 62 0.05 2.38 -8.39
CA LEU A 62 -0.71 2.30 -9.63
C LEU A 62 -1.74 3.42 -9.77
N THR A 63 -1.84 3.97 -10.95
CA THR A 63 -3.00 4.78 -11.30
C THR A 63 -4.22 3.88 -11.39
N HIS A 64 -5.40 4.49 -11.42
CA HIS A 64 -6.64 3.74 -11.62
C HIS A 64 -6.55 2.80 -12.84
N ILE A 65 -6.16 3.37 -13.99
CA ILE A 65 -6.07 2.58 -15.21
C ILE A 65 -4.96 1.53 -15.14
N GLU A 66 -3.82 1.85 -14.55
CA GLU A 66 -2.79 0.83 -14.41
C GLU A 66 -3.30 -0.36 -13.61
N ALA A 67 -4.10 -0.11 -12.58
CA ALA A 67 -4.68 -1.19 -11.77
C ALA A 67 -5.66 -1.99 -12.61
N GLN A 68 -6.52 -1.31 -13.39
CA GLN A 68 -7.42 -2.01 -14.28
C GLN A 68 -6.66 -2.89 -15.26
N ASN A 69 -5.58 -2.39 -15.85
CA ASN A 69 -4.79 -3.18 -16.77
C ASN A 69 -4.18 -4.40 -16.08
N LYS A 70 -3.71 -4.22 -14.84
CA LYS A 70 -3.09 -5.32 -14.11
C LYS A 70 -4.08 -6.47 -13.93
N ILE A 71 -5.33 -6.12 -13.69
CA ILE A 71 -6.40 -7.11 -13.59
C ILE A 71 -6.75 -7.70 -14.95
N ARG A 72 -6.95 -6.87 -15.96
CA ARG A 72 -7.36 -7.38 -17.28
C ARG A 72 -6.32 -8.24 -17.93
N ALA A 73 -5.04 -8.01 -17.66
CA ALA A 73 -3.93 -8.74 -18.25
C ALA A 73 -3.42 -9.85 -17.34
N CYS A 74 -4.18 -10.24 -16.32
CA CYS A 74 -3.70 -11.16 -15.29
C CYS A 74 -3.69 -12.63 -15.62
N GLY A 75 -4.27 -13.01 -16.73
CA GLY A 75 -4.29 -14.44 -17.05
C GLY A 75 -5.27 -15.24 -16.21
N GLU A 76 -4.91 -16.47 -15.85
CA GLU A 76 -5.86 -17.48 -15.32
C GLU A 76 -6.32 -17.25 -13.89
N ARG A 77 -5.49 -16.62 -13.06
CA ARG A 77 -5.83 -16.35 -11.67
C ARG A 77 -5.52 -14.92 -11.34
N LEU A 78 -6.24 -14.41 -10.36
CA LEU A 78 -6.10 -13.03 -9.91
C LEU A 78 -5.87 -13.05 -8.41
N SER A 79 -4.68 -12.66 -7.97
CA SER A 79 -4.37 -12.59 -6.55
CA SER A 79 -4.36 -12.58 -6.55
CA SER A 79 -4.38 -12.58 -6.55
C SER A 79 -4.56 -11.15 -6.09
N LEU A 80 -5.37 -10.97 -5.06
CA LEU A 80 -5.65 -9.65 -4.49
C LEU A 80 -5.27 -9.62 -3.03
N GLY A 81 -4.38 -8.69 -2.67
CA GLY A 81 -4.16 -8.34 -1.29
C GLY A 81 -5.09 -7.21 -0.94
N LEU A 82 -5.87 -7.35 0.13
CA LEU A 82 -6.94 -6.45 0.47
C LEU A 82 -6.83 -6.04 1.92
N SER A 83 -7.53 -4.98 2.29
CA SER A 83 -7.72 -4.64 3.69
C SER A 83 -9.11 -4.06 3.91
N ARG A 84 -9.67 -4.36 5.07
CA ARG A 84 -11.04 -3.98 5.41
C ARG A 84 -11.06 -3.16 6.67
N ALA A 85 -11.77 -2.04 6.64
CA ALA A 85 -11.92 -1.23 7.85
C ALA A 85 -12.49 -2.03 9.01
N ILE A 86 -11.95 -1.80 10.17
CA ILE A 86 -12.53 -2.31 11.41
C ILE A 86 -13.39 -1.15 11.95
N THR A 87 -14.68 -1.17 11.66
CA THR A 87 -15.58 -0.10 12.01
C THR A 87 -16.06 -0.39 13.42
N SER A 88 -15.27 0.08 14.37
CA SER A 88 -15.54 -0.09 15.77
C SER A 88 -16.63 0.86 16.19
N LEU A 89 -17.68 0.36 16.82
CA LEU A 89 -18.82 1.15 17.22
C LEU A 89 -18.82 1.40 18.71
N MET B 2 -0.87 11.35 -6.17
CA MET B 2 0.34 10.61 -5.71
CA MET B 2 0.50 11.14 -5.69
C MET B 2 1.53 10.47 -6.59
N ASP B 3 2.76 10.75 -6.17
CA ASP B 3 3.92 10.24 -6.91
C ASP B 3 4.51 9.09 -6.11
N SER B 4 4.61 7.91 -6.70
CA SER B 4 5.23 6.78 -6.06
C SER B 4 6.66 6.64 -6.51
N PHE B 5 7.56 6.24 -5.59
CA PHE B 5 8.97 6.14 -5.89
C PHE B 5 9.60 5.24 -4.85
N LYS B 6 10.83 4.83 -5.11
CA LYS B 6 11.59 3.94 -4.26
C LYS B 6 12.92 4.54 -3.92
N VAL B 7 13.36 4.34 -2.68
CA VAL B 7 14.73 4.62 -2.29
C VAL B 7 15.33 3.39 -1.61
N VAL B 8 16.64 3.27 -1.65
CA VAL B 8 17.38 2.23 -0.95
C VAL B 8 18.43 2.90 -0.11
N LEU B 9 18.40 2.63 1.20
CA LEU B 9 19.36 3.22 2.12
C LEU B 9 20.47 2.21 2.40
N GLU B 10 21.70 2.72 2.49
CA GLU B 10 22.90 1.91 2.70
C GLU B 10 23.32 2.04 4.17
N GLY B 11 23.41 0.90 4.84
CA GLY B 11 23.70 0.85 6.25
C GLY B 11 25.13 1.16 6.63
N PRO B 12 25.43 1.12 7.94
CA PRO B 12 24.53 0.71 9.03
C PRO B 12 23.49 1.74 9.40
N ALA B 13 22.44 1.29 10.06
CA ALA B 13 21.59 2.11 10.89
C ALA B 13 22.37 2.95 11.89
N PRO B 14 21.82 4.08 12.37
CA PRO B 14 20.46 4.43 12.08
CA PRO B 14 20.46 4.76 12.19
C PRO B 14 20.19 5.13 10.75
N TRP B 15 18.95 4.98 10.33
CA TRP B 15 18.48 5.44 9.03
C TRP B 15 18.01 6.90 9.05
N GLY B 16 17.67 7.42 10.22
CA GLY B 16 17.30 8.82 10.34
C GLY B 16 15.85 9.13 10.06
N PHE B 17 14.91 8.27 10.47
CA PHE B 17 13.49 8.59 10.34
C PHE B 17 12.70 7.92 11.44
N ARG B 18 11.48 8.41 11.59
CA ARG B 18 10.47 7.75 12.43
CA ARG B 18 10.45 7.89 12.50
C ARG B 18 9.19 7.61 11.66
N LEU B 19 8.40 6.64 12.08
CA LEU B 19 7.11 6.31 11.48
C LEU B 19 5.94 6.75 12.35
N GLN B 20 4.81 6.96 11.70
CA GLN B 20 3.49 7.03 12.36
C GLN B 20 2.54 6.17 11.58
N GLY B 21 1.45 5.79 12.24
CA GLY B 21 0.40 5.05 11.58
C GLY B 21 0.66 3.57 11.47
N GLY B 22 -0.19 2.92 10.68
CA GLY B 22 -0.18 1.46 10.53
C GLY B 22 -1.58 0.91 10.54
N LYS B 23 -1.72 -0.38 10.26
CA LYS B 23 -3.08 -0.93 10.12
C LYS B 23 -3.83 -0.96 11.45
N ASP B 24 -3.12 -0.87 12.57
CA ASP B 24 -3.73 -0.78 13.89
C ASP B 24 -4.07 0.64 14.33
N PHE B 25 -3.83 1.61 13.47
CA PHE B 25 -4.15 3.01 13.71
C PHE B 25 -5.15 3.48 12.66
N ASN B 26 -5.58 4.72 12.83
CA ASN B 26 -6.58 5.31 11.92
C ASN B 26 -6.01 6.09 10.78
N VAL B 27 -4.69 6.05 10.62
CA VAL B 27 -4.01 6.63 9.49
C VAL B 27 -2.99 5.64 8.99
N PRO B 28 -2.80 5.55 7.68
CA PRO B 28 -1.81 4.56 7.27
CA PRO B 28 -1.83 4.67 7.06
C PRO B 28 -0.37 4.96 7.51
N LEU B 29 0.50 4.00 7.34
CA LEU B 29 1.91 4.16 7.68
C LEU B 29 2.55 5.27 6.85
N SER B 30 3.27 6.16 7.54
CA SER B 30 3.91 7.28 6.88
C SER B 30 5.15 7.71 7.67
N ILE B 31 5.98 8.51 7.01
CA ILE B 31 7.17 9.09 7.63
C ILE B 31 6.72 10.27 8.52
N SER B 32 6.99 10.19 9.81
CA SER B 32 6.62 11.24 10.75
C SER B 32 7.68 12.25 11.04
N ARG B 33 8.94 11.82 11.03
CA ARG B 33 10.07 12.70 11.30
C ARG B 33 11.24 12.25 10.48
N LEU B 34 12.11 13.22 10.16
CA LEU B 34 13.37 12.95 9.46
C LEU B 34 14.49 13.64 10.19
N THR B 35 15.59 12.95 10.40
CA THR B 35 16.77 13.57 10.95
C THR B 35 17.45 14.40 9.87
N PRO B 36 17.68 15.70 10.12
CA PRO B 36 18.42 16.51 9.12
C PRO B 36 19.81 15.89 8.86
N GLY B 37 20.15 15.74 7.59
CA GLY B 37 21.41 15.16 7.20
C GLY B 37 21.49 13.65 7.32
N GLY B 38 20.46 13.00 7.86
CA GLY B 38 20.46 11.55 8.00
C GLY B 38 20.22 10.85 6.69
N LYS B 39 20.26 9.53 6.72
CA LYS B 39 20.29 8.79 5.46
C LYS B 39 18.99 8.94 4.68
N ALA B 40 17.85 8.86 5.36
CA ALA B 40 16.58 9.00 4.68
C ALA B 40 16.42 10.39 4.06
N ALA B 41 16.77 11.44 4.81
CA ALA B 41 16.68 12.80 4.28
C ALA B 41 17.60 12.97 3.08
N GLN B 42 18.82 12.44 3.15
CA GLN B 42 19.74 12.55 2.02
C GLN B 42 19.25 11.81 0.79
N ALA B 43 18.45 10.75 0.99
CA ALA B 43 17.89 10.00 -0.12
C ALA B 43 16.69 10.68 -0.76
N GLY B 44 16.19 11.75 -0.14
CA GLY B 44 15.08 12.50 -0.73
C GLY B 44 13.72 12.11 -0.19
N VAL B 45 13.67 11.38 0.92
CA VAL B 45 12.42 11.14 1.63
C VAL B 45 11.94 12.44 2.25
N ALA B 46 10.62 12.57 2.41
CA ALA B 46 10.01 13.76 3.03
C ALA B 46 9.05 13.32 4.13
N VAL B 47 8.94 14.14 5.17
CA VAL B 47 7.89 13.93 6.16
C VAL B 47 6.54 13.91 5.48
N GLY B 48 5.70 12.98 5.88
CA GLY B 48 4.37 12.82 5.30
C GLY B 48 4.33 11.83 4.17
N ASP B 49 5.47 11.38 3.64
CA ASP B 49 5.44 10.37 2.59
C ASP B 49 4.79 9.10 3.16
N TRP B 50 3.88 8.52 2.39
CA TRP B 50 3.30 7.24 2.74
C TRP B 50 4.34 6.15 2.49
N VAL B 51 4.39 5.17 3.40
CA VAL B 51 5.25 4.00 3.22
C VAL B 51 4.42 2.90 2.62
N LEU B 52 4.72 2.58 1.38
CA LEU B 52 4.02 1.53 0.65
C LEU B 52 4.62 0.16 0.85
N SER B 53 5.93 0.07 1.03
CA SER B 53 6.61 -1.20 1.12
C SER B 53 7.91 -1.03 1.88
N ILE B 54 8.34 -2.10 2.54
CA ILE B 54 9.59 -2.17 3.27
C ILE B 54 10.26 -3.48 2.90
N ASP B 55 11.43 -3.41 2.27
CA ASP B 55 12.15 -4.62 1.80
C ASP B 55 11.24 -5.59 1.06
N GLY B 56 10.39 -5.05 0.20
CA GLY B 56 9.50 -5.86 -0.63
C GLY B 56 8.18 -6.21 0.02
N GLU B 57 8.05 -6.06 1.32
CA GLU B 57 6.81 -6.41 1.98
C GLU B 57 5.85 -5.27 1.85
N ASN B 58 4.63 -5.57 1.45
CA ASN B 58 3.59 -4.57 1.36
C ASN B 58 3.29 -4.03 2.75
N ALA B 59 3.45 -2.74 2.93
CA ALA B 59 3.29 -2.15 4.23
C ALA B 59 1.84 -2.06 4.69
N GLY B 60 0.86 -2.20 3.79
CA GLY B 60 -0.53 -2.11 4.16
C GLY B 60 -1.00 -3.24 5.06
N SER B 61 -0.25 -4.32 5.13
CA SER B 61 -0.60 -5.43 5.98
C SER B 61 0.15 -5.44 7.32
N LEU B 62 0.88 -4.36 7.63
CA LEU B 62 1.69 -4.31 8.84
C LEU B 62 1.07 -3.42 9.92
N THR B 63 1.11 -3.88 11.16
CA THR B 63 0.92 -3.00 12.27
C THR B 63 2.10 -2.02 12.35
N HIS B 64 1.94 -0.97 13.14
CA HIS B 64 3.01 -0.02 13.37
C HIS B 64 4.29 -0.73 13.83
N ILE B 65 4.17 -1.59 14.84
CA ILE B 65 5.33 -2.29 15.37
C ILE B 65 5.87 -3.31 14.37
N GLU B 66 5.01 -4.02 13.63
CA GLU B 66 5.53 -4.91 12.60
C GLU B 66 6.37 -4.16 11.57
N ALA B 67 5.96 -2.93 11.22
CA ALA B 67 6.75 -2.11 10.30
C ALA B 67 8.08 -1.72 10.92
N GLN B 68 8.07 -1.32 12.19
CA GLN B 68 9.31 -1.02 12.89
C GLN B 68 10.24 -2.22 12.91
N ASN B 69 9.72 -3.41 13.18
CA ASN B 69 10.54 -4.61 13.19
C ASN B 69 11.14 -4.89 11.80
N LYS B 70 10.35 -4.67 10.75
CA LYS B 70 10.82 -4.93 9.39
C LYS B 70 12.04 -4.05 9.06
N ILE B 71 12.03 -2.83 9.59
CA ILE B 71 13.17 -1.92 9.45
C ILE B 71 14.31 -2.36 10.34
N ARG B 72 14.05 -2.62 11.60
CA ARG B 72 15.13 -2.94 12.55
C ARG B 72 15.84 -4.23 12.20
N ALA B 73 15.13 -5.17 11.59
CA ALA B 73 15.68 -6.47 11.23
C ALA B 73 16.16 -6.55 9.76
N CYS B 74 16.33 -5.41 9.10
CA CYS B 74 16.65 -5.39 7.67
C CYS B 74 18.07 -5.63 7.20
N GLY B 75 19.00 -5.69 8.13
CA GLY B 75 20.40 -5.86 7.67
C GLY B 75 21.00 -4.65 6.94
N GLU B 76 21.85 -4.87 5.92
CA GLU B 76 22.77 -3.83 5.41
C GLU B 76 22.13 -2.80 4.51
N ARG B 77 21.00 -3.13 3.88
CA ARG B 77 20.29 -2.20 3.04
C ARG B 77 18.84 -2.22 3.36
N LEU B 78 18.22 -1.07 3.21
CA LEU B 78 16.81 -0.89 3.49
C LEU B 78 16.14 -0.31 2.26
N SER B 79 15.22 -1.07 1.67
CA SER B 79 14.45 -0.61 0.53
CA SER B 79 14.44 -0.62 0.51
CA SER B 79 14.47 -0.55 0.53
C SER B 79 13.11 -0.08 1.02
N LEU B 80 12.73 1.12 0.61
CA LEU B 80 11.46 1.72 0.95
C LEU B 80 10.73 2.13 -0.32
N GLY B 81 9.51 1.64 -0.47
CA GLY B 81 8.59 2.15 -1.48
C GLY B 81 7.74 3.20 -0.83
N LEU B 82 7.64 4.37 -1.46
CA LEU B 82 7.04 5.56 -0.87
C LEU B 82 6.05 6.15 -1.84
N SER B 83 5.14 6.99 -1.33
CA SER B 83 4.37 7.84 -2.21
CA SER B 83 4.20 7.75 -2.15
C SER B 83 4.06 9.16 -1.54
N ARG B 84 4.11 10.19 -2.36
CA ARG B 84 4.06 11.56 -1.91
C ARG B 84 2.89 12.27 -2.55
N ALA B 85 2.07 12.90 -1.72
CA ALA B 85 0.97 13.73 -2.22
C ALA B 85 1.52 14.91 -3.03
N ILE B 86 1.10 15.08 -4.27
CA ILE B 86 1.55 16.28 -5.06
C ILE B 86 0.43 17.29 -5.23
N THR B 87 0.23 18.08 -4.17
N THR B 87 0.19 18.06 -4.20
CA THR B 87 -0.89 19.06 -4.05
CA THR B 87 -0.91 19.00 -4.25
C THR B 87 -0.44 20.48 -4.41
C THR B 87 -0.34 20.36 -4.61
N SER B 88 -1.13 21.14 -5.34
CA SER B 88 -0.75 22.48 -5.74
C SER B 88 -1.08 23.51 -4.66
N LEU B 89 -0.27 24.55 -4.57
CA LEU B 89 -0.72 25.80 -3.99
C LEU B 89 -1.61 26.57 -4.96
C1 EDO C . 0.79 -9.39 -15.76
O1 EDO C . 0.82 -9.22 -14.34
C2 EDO C . 0.22 -8.17 -16.45
O2 EDO C . 0.99 -7.01 -16.12
CL CL D . 10.44 -2.10 -0.85
C1 EDO E . 18.38 16.87 5.39
O1 EDO E . 19.47 16.13 4.80
C2 EDO E . 18.44 18.37 5.27
O2 EDO E . 19.07 18.99 6.39
C1 EDO F . 13.77 -9.44 7.27
O1 EDO F . 13.13 -8.74 6.20
C2 EDO F . 13.08 -9.02 8.55
O2 EDO F . 11.72 -9.49 8.55
#